data_4GN7
#
_entry.id   4GN7
#
_cell.length_a   102.678
_cell.length_b   102.678
_cell.length_c   147.817
_cell.angle_alpha   90.00
_cell.angle_beta   90.00
_cell.angle_gamma   120.00
#
_symmetry.space_group_name_H-M   'P 31 2 1'
#
loop_
_entity.id
_entity.type
_entity.pdbx_description
1 polymer Regucalcin
2 non-polymer 'CALCIUM ION'
3 non-polymer 'SULFATE ION'
4 water water
#
_entity_poly.entity_id   1
_entity_poly.type   'polypeptide(L)'
_entity_poly.pdbx_seq_one_letter_code
;MSSIKVECVLRENYRCGESPVWEEASQSLLFVDIPSKIICRWDTVSNQVQRVAVDAPVSSVALRQLGGYVATIGTKFCAL
NWENQSVFVLAMVDEDKKNNRFNDGKVDPAGRYFAGTMAEETAPAVLERHQGSLYSLFPDHSVKKYFDQVDISNGLDWSL
DHKIFYYIDSLSYTVDAFDYDLQTGQISNRRIVYKMEKDEQIPDGMCIDAEGKLWVACYNGGRVIRLDPETGKRLQTVKL
PVDKTTSCCFGGKDYSEMYVTCARDGLNAEGLLRQPDAGNIFKITGLGVKGIAPYSYAG
;
_entity_poly.pdbx_strand_id   A,B
#
# COMPACT_ATOMS: atom_id res chain seq x y z
N SER A 3 2.79 -35.64 4.92
CA SER A 3 1.81 -34.95 4.07
C SER A 3 2.10 -33.45 4.01
N ILE A 4 2.47 -32.95 2.83
CA ILE A 4 2.73 -31.52 2.65
C ILE A 4 1.42 -30.75 2.67
N LYS A 5 1.38 -29.67 3.44
CA LYS A 5 0.19 -28.83 3.46
C LYS A 5 0.53 -27.37 3.18
N VAL A 6 -0.17 -26.78 2.23
CA VAL A 6 0.01 -25.36 1.89
C VAL A 6 -1.22 -24.58 2.34
N GLU A 7 -1.00 -23.55 3.16
CA GLU A 7 -2.09 -22.84 3.79
C GLU A 7 -1.85 -21.35 3.76
N CYS A 8 -2.88 -20.59 3.43
CA CYS A 8 -2.79 -19.14 3.50
C CYS A 8 -3.07 -18.72 4.93
N VAL A 9 -2.06 -18.18 5.61
CA VAL A 9 -2.14 -17.96 7.04
C VAL A 9 -2.28 -16.49 7.47
N LEU A 10 -2.07 -15.56 6.54
CA LEU A 10 -2.27 -14.14 6.85
C LEU A 10 -2.84 -13.43 5.63
N ARG A 11 -4.06 -12.95 5.75
CA ARG A 11 -4.76 -12.38 4.60
C ARG A 11 -4.85 -10.85 4.68
N GLU A 12 -3.73 -10.19 4.39
CA GLU A 12 -3.68 -8.74 4.51
C GLU A 12 -3.56 -8.08 3.14
N ASN A 13 -3.42 -8.90 2.10
CA ASN A 13 -3.42 -8.44 0.71
C ASN A 13 -2.31 -7.43 0.41
N TYR A 14 -1.07 -7.83 0.70
CA TYR A 14 0.08 -6.96 0.44
C TYR A 14 0.25 -6.79 -1.05
N ARG A 15 0.85 -5.68 -1.46
CA ARG A 15 1.07 -5.46 -2.88
C ARG A 15 2.24 -6.30 -3.36
N CYS A 16 3.31 -6.33 -2.55
CA CYS A 16 4.45 -7.17 -2.87
C CYS A 16 5.17 -7.55 -1.59
N GLY A 17 4.71 -8.63 -0.97
CA GLY A 17 5.30 -9.13 0.26
C GLY A 17 6.69 -9.67 -0.07
N GLU A 18 7.64 -9.46 0.85
CA GLU A 18 9.03 -9.85 0.57
C GLU A 18 9.81 -9.99 1.87
N SER A 19 11.01 -10.54 1.75
CA SER A 19 11.96 -10.63 2.86
C SER A 19 11.37 -11.20 4.15
N PRO A 20 10.74 -12.38 4.09
CA PRO A 20 10.28 -12.95 5.36
C PRO A 20 11.46 -13.39 6.22
N VAL A 21 11.39 -13.06 7.51
CA VAL A 21 12.41 -13.43 8.49
C VAL A 21 11.72 -13.85 9.77
N TRP A 22 12.08 -15.02 10.28
CA TRP A 22 11.43 -15.50 11.51
C TRP A 22 12.16 -15.02 12.75
N GLU A 23 11.42 -14.38 13.68
CA GLU A 23 11.98 -13.95 14.96
C GLU A 23 11.51 -14.87 16.10
N GLU A 24 12.34 -15.83 16.48
CA GLU A 24 11.97 -16.79 17.52
C GLU A 24 11.65 -16.12 18.86
N ALA A 25 12.41 -15.09 19.19
CA ALA A 25 12.26 -14.40 20.48
C ALA A 25 10.85 -13.84 20.69
N SER A 26 10.20 -13.46 19.59
CA SER A 26 8.86 -12.86 19.68
C SER A 26 7.80 -13.70 18.99
N GLN A 27 8.21 -14.86 18.48
CA GLN A 27 7.34 -15.74 17.68
C GLN A 27 6.61 -14.96 16.60
N SER A 28 7.35 -14.08 15.93
CA SER A 28 6.77 -13.18 14.94
C SER A 28 7.43 -13.38 13.59
N LEU A 29 6.69 -13.12 12.52
CA LEU A 29 7.29 -13.06 11.19
C LEU A 29 7.51 -11.61 10.82
N LEU A 30 8.75 -11.27 10.48
CA LEU A 30 9.03 -9.94 9.96
C LEU A 30 9.06 -10.04 8.46
N PHE A 31 8.59 -8.98 7.80
CA PHE A 31 8.64 -8.93 6.36
C PHE A 31 8.37 -7.50 5.92
N VAL A 32 8.43 -7.28 4.62
CA VAL A 32 8.13 -5.96 4.08
C VAL A 32 7.05 -6.07 3.00
N ASP A 33 6.36 -4.97 2.75
CA ASP A 33 5.53 -4.82 1.55
C ASP A 33 6.13 -3.66 0.79
N ILE A 34 6.92 -3.97 -0.24
CA ILE A 34 7.85 -3.01 -0.84
C ILE A 34 7.24 -1.67 -1.27
N PRO A 35 6.25 -1.69 -2.20
CA PRO A 35 5.75 -0.39 -2.67
C PRO A 35 4.85 0.29 -1.66
N SER A 36 4.40 -0.46 -0.66
CA SER A 36 3.52 0.09 0.36
C SER A 36 4.33 0.78 1.46
N LYS A 37 5.66 0.71 1.35
CA LYS A 37 6.55 1.42 2.26
C LYS A 37 6.25 1.11 3.74
N ILE A 38 6.10 -0.18 4.03
CA ILE A 38 5.92 -0.64 5.39
C ILE A 38 6.79 -1.85 5.75
N ILE A 39 7.33 -1.81 6.95
CA ILE A 39 8.00 -2.95 7.55
C ILE A 39 6.97 -3.56 8.47
N CYS A 40 6.74 -4.85 8.35
CA CYS A 40 5.66 -5.49 9.08
C CYS A 40 6.15 -6.48 10.11
N ARG A 41 5.50 -6.51 11.26
CA ARG A 41 5.83 -7.55 12.23
C ARG A 41 4.55 -8.26 12.61
N TRP A 42 4.42 -9.52 12.20
CA TRP A 42 3.23 -10.31 12.47
C TRP A 42 3.44 -11.24 13.66
N ASP A 43 2.82 -10.90 14.78
CA ASP A 43 2.84 -11.74 15.97
C ASP A 43 1.92 -12.92 15.71
N THR A 44 2.50 -14.12 15.57
CA THR A 44 1.71 -15.29 15.20
C THR A 44 0.91 -15.83 16.38
N VAL A 45 1.16 -15.29 17.56
CA VAL A 45 0.45 -15.73 18.75
C VAL A 45 -0.86 -14.95 18.92
N SER A 46 -0.74 -13.63 19.05
CA SER A 46 -1.92 -12.75 19.09
C SER A 46 -2.56 -12.60 17.72
N ASN A 47 -1.86 -13.02 16.66
CA ASN A 47 -2.33 -12.87 15.30
C ASN A 47 -2.54 -11.40 14.92
N GLN A 48 -1.69 -10.53 15.45
CA GLN A 48 -1.80 -9.11 15.18
C GLN A 48 -0.57 -8.64 14.41
N VAL A 49 -0.79 -7.75 13.43
CA VAL A 49 0.29 -7.19 12.63
C VAL A 49 0.56 -5.76 13.03
N GLN A 50 1.82 -5.42 13.31
CA GLN A 50 2.18 -4.03 13.54
C GLN A 50 3.01 -3.57 12.35
N ARG A 51 2.91 -2.31 11.98
CA ARG A 51 3.67 -1.81 10.83
C ARG A 51 4.45 -0.56 11.17
N VAL A 52 5.63 -0.44 10.59
CA VAL A 52 6.35 0.81 10.65
C VAL A 52 6.40 1.37 9.24
N ALA A 53 5.73 2.50 9.04
CA ALA A 53 5.77 3.18 7.74
C ALA A 53 7.13 3.83 7.53
N VAL A 54 7.63 3.79 6.30
CA VAL A 54 8.87 4.44 5.96
C VAL A 54 8.68 5.29 4.73
N ASP A 55 9.66 6.15 4.43
CA ASP A 55 9.41 7.17 3.43
C ASP A 55 9.84 6.82 2.01
N ALA A 56 10.25 5.57 1.79
CA ALA A 56 10.64 5.11 0.46
C ALA A 56 10.37 3.61 0.41
N PRO A 57 10.35 3.03 -0.79
CA PRO A 57 10.18 1.57 -0.86
C PRO A 57 11.21 0.84 0.00
N VAL A 58 10.73 -0.10 0.80
CA VAL A 58 11.58 -0.85 1.71
C VAL A 58 11.62 -2.30 1.22
N SER A 59 12.82 -2.80 0.97
CA SER A 59 12.96 -4.05 0.24
C SER A 59 13.35 -5.25 1.10
N SER A 60 13.93 -5.00 2.26
CA SER A 60 14.28 -6.09 3.15
C SER A 60 14.37 -5.62 4.60
N VAL A 61 14.25 -6.56 5.52
CA VAL A 61 14.35 -6.30 6.96
C VAL A 61 15.13 -7.45 7.58
N ALA A 62 15.88 -7.16 8.64
CA ALA A 62 16.66 -8.19 9.33
C ALA A 62 16.71 -7.89 10.83
N LEU A 63 17.00 -8.92 11.62
CA LEU A 63 17.09 -8.72 13.07
C LEU A 63 18.40 -7.99 13.39
N ARG A 64 18.35 -7.13 14.40
CA ARG A 64 19.55 -6.44 14.87
C ARG A 64 19.91 -7.00 16.25
N GLN A 65 21.12 -7.56 16.36
CA GLN A 65 21.51 -8.30 17.55
C GLN A 65 21.39 -7.47 18.83
N LEU A 66 21.84 -6.22 18.77
CA LEU A 66 21.88 -5.38 19.97
C LEU A 66 20.47 -4.94 20.37
N GLY A 67 19.50 -5.15 19.47
CA GLY A 67 18.12 -4.78 19.74
C GLY A 67 17.43 -4.19 18.52
N GLY A 68 16.15 -4.50 18.35
CA GLY A 68 15.43 -3.92 17.22
C GLY A 68 15.82 -4.52 15.88
N TYR A 69 15.81 -3.72 14.82
CA TYR A 69 15.92 -4.23 13.46
C TYR A 69 16.74 -3.33 12.56
N VAL A 70 17.14 -3.87 11.40
CA VAL A 70 17.72 -3.07 10.36
C VAL A 70 16.95 -3.33 9.07
N ALA A 71 17.06 -2.43 8.10
CA ALA A 71 16.27 -2.57 6.88
C ALA A 71 16.92 -1.84 5.73
N THR A 72 16.55 -2.20 4.51
CA THR A 72 16.99 -1.45 3.35
C THR A 72 15.86 -0.60 2.76
N ILE A 73 15.97 0.71 2.91
CA ILE A 73 14.93 1.64 2.50
C ILE A 73 15.54 2.52 1.43
N GLY A 74 14.98 2.51 0.23
CA GLY A 74 15.60 3.20 -0.88
C GLY A 74 16.98 2.60 -1.13
N THR A 75 18.00 3.44 -1.20
CA THR A 75 19.38 2.95 -1.28
C THR A 75 20.13 3.11 0.05
N LYS A 76 19.40 3.01 1.16
CA LYS A 76 19.99 3.21 2.49
C LYS A 76 19.82 2.01 3.41
N PHE A 77 20.91 1.63 4.09
CA PHE A 77 20.85 0.71 5.22
C PHE A 77 20.37 1.55 6.40
N CYS A 78 19.30 1.13 7.07
CA CYS A 78 18.73 1.90 8.17
C CYS A 78 18.56 1.06 9.43
N ALA A 79 18.60 1.73 10.57
CA ALA A 79 18.37 1.07 11.85
C ALA A 79 16.98 1.45 12.35
N LEU A 80 16.27 0.48 12.89
CA LEU A 80 14.94 0.72 13.43
C LEU A 80 14.89 0.40 14.94
N ASN A 81 14.43 1.36 15.72
CA ASN A 81 14.07 1.09 17.10
C ASN A 81 12.55 0.98 17.14
N TRP A 82 12.04 -0.20 17.46
CA TRP A 82 10.59 -0.43 17.39
C TRP A 82 9.79 0.33 18.45
N GLU A 83 10.32 0.39 19.68
CA GLU A 83 9.67 1.11 20.78
C GLU A 83 9.25 2.52 20.36
N ASN A 84 10.16 3.28 19.77
CA ASN A 84 9.88 4.65 19.37
C ASN A 84 9.57 4.78 17.88
N GLN A 85 9.59 3.68 17.15
CA GLN A 85 9.46 3.70 15.69
C GLN A 85 10.46 4.66 15.06
N SER A 86 11.65 4.70 15.63
CA SER A 86 12.69 5.58 15.18
C SER A 86 13.43 4.88 14.05
N VAL A 87 13.59 5.54 12.90
CA VAL A 87 14.40 4.95 11.83
C VAL A 87 15.43 5.93 11.28
N PHE A 88 16.69 5.48 11.31
CA PHE A 88 17.81 6.34 10.94
C PHE A 88 18.84 5.63 10.07
N VAL A 89 19.48 6.40 9.21
CA VAL A 89 20.41 5.88 8.22
C VAL A 89 21.71 5.44 8.87
N LEU A 90 22.17 4.24 8.52
CA LEU A 90 23.48 3.76 8.94
C LEU A 90 24.51 3.99 7.84
N ALA A 91 24.08 3.83 6.59
CA ALA A 91 24.96 4.01 5.43
C ALA A 91 24.11 4.09 4.16
N MET A 92 24.66 4.69 3.11
CA MET A 92 23.98 4.87 1.83
C MET A 92 24.87 4.33 0.71
N VAL A 93 24.25 3.75 -0.33
CA VAL A 93 25.01 3.21 -1.46
C VAL A 93 24.45 3.75 -2.78
N ASP A 94 25.14 3.50 -3.89
CA ASP A 94 24.66 3.91 -5.22
C ASP A 94 24.30 5.40 -5.31
N GLU A 95 25.09 6.25 -4.68
CA GLU A 95 24.76 7.68 -4.65
C GLU A 95 24.84 8.32 -6.03
N ASP A 96 25.59 7.69 -6.92
CA ASP A 96 25.71 8.14 -8.31
C ASP A 96 24.68 7.51 -9.24
N LYS A 97 23.72 6.78 -8.68
CA LYS A 97 22.62 6.22 -9.49
C LYS A 97 21.35 7.02 -9.28
N LYS A 98 20.74 7.46 -10.37
CA LYS A 98 19.58 8.34 -10.29
C LYS A 98 18.33 7.66 -9.73
N ASN A 99 18.10 6.41 -10.15
CA ASN A 99 16.85 5.76 -9.80
C ASN A 99 17.02 4.31 -9.37
N ASN A 100 17.98 4.04 -8.49
CA ASN A 100 18.17 2.68 -7.97
C ASN A 100 17.46 2.50 -6.64
N ARG A 101 17.29 1.25 -6.24
CA ARG A 101 16.87 0.91 -4.88
C ARG A 101 17.51 -0.41 -4.50
N PHE A 102 17.56 -0.68 -3.20
CA PHE A 102 17.99 -1.97 -2.71
C PHE A 102 16.90 -2.96 -3.07
N ASN A 103 17.28 -4.24 -3.19
CA ASN A 103 16.26 -5.30 -3.24
C ASN A 103 16.49 -6.27 -2.10
N ASP A 104 16.76 -7.53 -2.39
CA ASP A 104 16.85 -8.51 -1.33
C ASP A 104 18.15 -8.39 -0.51
N GLY A 105 18.05 -8.78 0.76
CA GLY A 105 19.18 -8.70 1.68
C GLY A 105 19.04 -9.73 2.77
N LYS A 106 20.14 -10.06 3.43
CA LYS A 106 20.13 -11.07 4.50
C LYS A 106 21.47 -10.95 5.21
N VAL A 107 21.51 -11.27 6.49
N VAL A 107 21.48 -11.35 6.49
CA VAL A 107 22.77 -11.15 7.22
CA VAL A 107 22.68 -11.27 7.34
C VAL A 107 23.53 -12.47 7.27
C VAL A 107 23.52 -12.53 7.26
N ASP A 108 24.84 -12.36 7.07
CA ASP A 108 25.74 -13.50 6.94
C ASP A 108 26.05 -14.12 8.30
N PRO A 109 26.76 -15.27 8.30
CA PRO A 109 26.99 -15.90 9.61
C PRO A 109 27.87 -15.09 10.55
N ALA A 110 28.47 -13.99 10.11
CA ALA A 110 29.30 -13.18 11.00
C ALA A 110 28.63 -11.85 11.31
N GLY A 111 27.35 -11.74 10.98
CA GLY A 111 26.59 -10.55 11.35
C GLY A 111 26.70 -9.37 10.39
N ARG A 112 27.16 -9.62 9.17
CA ARG A 112 27.18 -8.57 8.16
C ARG A 112 25.87 -8.61 7.38
N TYR A 113 25.28 -7.45 7.12
CA TYR A 113 24.01 -7.33 6.39
C TYR A 113 24.33 -7.21 4.90
N PHE A 114 24.23 -8.32 4.16
CA PHE A 114 24.40 -8.26 2.69
C PHE A 114 23.11 -7.78 2.05
N ALA A 115 23.20 -6.90 1.08
CA ALA A 115 22.05 -6.50 0.29
C ALA A 115 22.48 -5.92 -1.04
N GLY A 116 21.71 -6.19 -2.10
CA GLY A 116 22.07 -5.69 -3.42
C GLY A 116 21.02 -4.76 -4.02
N THR A 117 21.41 -4.01 -5.04
CA THR A 117 20.49 -3.02 -5.60
C THR A 117 20.04 -3.38 -7.02
N MET A 118 19.22 -2.51 -7.61
CA MET A 118 18.69 -2.69 -8.95
C MET A 118 18.25 -1.33 -9.43
N ALA A 119 18.12 -1.15 -10.75
CA ALA A 119 17.46 0.04 -11.28
C ALA A 119 15.98 -0.05 -10.86
N GLU A 120 15.30 1.08 -10.73
CA GLU A 120 13.89 0.96 -10.38
C GLU A 120 13.05 0.52 -11.59
N GLU A 121 12.07 -0.33 -11.33
CA GLU A 121 11.22 -0.92 -12.37
C GLU A 121 10.06 -0.01 -12.74
N THR A 122 9.59 -0.14 -13.97
CA THR A 122 8.34 0.48 -14.41
C THR A 122 7.25 -0.60 -14.46
N ALA A 123 7.69 -1.85 -14.50
CA ALA A 123 6.85 -3.04 -14.48
C ALA A 123 7.77 -4.20 -14.06
N PRO A 124 7.18 -5.34 -13.65
CA PRO A 124 8.09 -6.42 -13.19
C PRO A 124 9.14 -6.82 -14.23
N ALA A 125 10.41 -6.76 -13.84
CA ALA A 125 11.55 -7.03 -14.73
C ALA A 125 11.62 -6.12 -15.96
N VAL A 126 11.03 -4.94 -15.86
CA VAL A 126 11.18 -3.92 -16.89
C VAL A 126 11.94 -2.70 -16.32
N LEU A 127 13.22 -2.59 -16.68
CA LEU A 127 14.12 -1.65 -16.02
C LEU A 127 15.40 -1.51 -16.82
N GLU A 128 16.19 -0.49 -16.48
CA GLU A 128 17.53 -0.34 -17.05
C GLU A 128 18.37 -1.52 -16.61
N ARG A 129 19.16 -2.10 -17.52
CA ARG A 129 19.90 -3.31 -17.17
C ARG A 129 21.24 -3.04 -16.47
N HIS A 130 21.65 -4.01 -15.66
CA HIS A 130 22.98 -4.05 -15.06
C HIS A 130 23.33 -2.82 -14.23
N GLN A 131 22.34 -2.23 -13.56
CA GLN A 131 22.58 -1.01 -12.77
C GLN A 131 22.83 -1.26 -11.29
N GLY A 132 22.69 -2.50 -10.86
CA GLY A 132 22.80 -2.80 -9.45
C GLY A 132 24.20 -3.31 -9.08
N SER A 133 24.43 -3.42 -7.77
CA SER A 133 25.64 -4.04 -7.24
C SER A 133 25.28 -4.73 -5.94
N LEU A 134 26.12 -5.67 -5.52
CA LEU A 134 25.96 -6.31 -4.22
C LEU A 134 26.83 -5.60 -3.19
N TYR A 135 26.23 -5.26 -2.05
CA TYR A 135 26.95 -4.60 -0.97
C TYR A 135 26.84 -5.43 0.31
N SER A 136 27.69 -5.15 1.30
CA SER A 136 27.41 -5.60 2.66
C SER A 136 27.76 -4.52 3.66
N LEU A 137 26.94 -4.43 4.70
CA LEU A 137 27.12 -3.46 5.78
C LEU A 137 27.81 -4.20 6.92
N PHE A 138 29.04 -3.78 7.22
CA PHE A 138 29.83 -4.46 8.25
C PHE A 138 29.36 -4.03 9.63
N PRO A 139 29.73 -4.78 10.68
CA PRO A 139 29.25 -4.38 12.02
C PRO A 139 29.71 -3.00 12.46
N ASP A 140 30.78 -2.48 11.86
CA ASP A 140 31.29 -1.17 12.25
C ASP A 140 30.66 -0.08 11.39
N HIS A 141 29.69 -0.49 10.56
CA HIS A 141 28.89 0.39 9.72
C HIS A 141 29.57 0.82 8.42
N SER A 142 30.72 0.25 8.12
CA SER A 142 31.36 0.53 6.84
C SER A 142 30.67 -0.35 5.81
N VAL A 143 30.81 0.00 4.53
CA VAL A 143 30.14 -0.75 3.47
C VAL A 143 31.17 -1.31 2.48
N LYS A 144 31.05 -2.60 2.20
CA LYS A 144 31.85 -3.26 1.18
C LYS A 144 31.04 -3.41 -0.11
N LYS A 145 31.64 -3.01 -1.24
CA LYS A 145 31.01 -3.24 -2.55
C LYS A 145 31.64 -4.46 -3.21
N TYR A 146 30.81 -5.43 -3.59
CA TYR A 146 31.34 -6.70 -4.11
C TYR A 146 31.52 -6.78 -5.61
N PHE A 147 30.43 -6.65 -6.35
CA PHE A 147 30.48 -6.64 -7.81
C PHE A 147 29.34 -5.81 -8.34
N ASP A 148 29.48 -5.30 -9.54
CA ASP A 148 28.42 -4.51 -10.16
C ASP A 148 27.79 -5.25 -11.33
N GLN A 149 27.12 -4.51 -12.21
CA GLN A 149 26.48 -5.07 -13.40
C GLN A 149 25.33 -6.01 -13.07
N VAL A 150 24.77 -5.87 -11.88
CA VAL A 150 23.62 -6.68 -11.47
C VAL A 150 22.32 -6.13 -12.05
N ASP A 151 21.49 -7.00 -12.61
CA ASP A 151 20.16 -6.57 -13.09
C ASP A 151 19.22 -6.39 -11.91
N ILE A 152 18.93 -7.48 -11.21
CA ILE A 152 18.03 -7.44 -10.06
C ILE A 152 18.61 -8.32 -8.97
N SER A 153 19.18 -7.68 -7.95
CA SER A 153 19.82 -8.43 -6.87
C SER A 153 18.76 -9.16 -6.05
N ASN A 154 18.92 -10.46 -5.87
CA ASN A 154 17.85 -11.16 -5.19
C ASN A 154 18.31 -12.14 -4.12
N GLY A 155 17.67 -13.31 -4.10
CA GLY A 155 17.86 -14.30 -3.05
C GLY A 155 19.31 -14.66 -2.76
N LEU A 156 19.58 -14.95 -1.49
CA LEU A 156 20.96 -15.21 -1.07
C LEU A 156 20.99 -15.96 0.24
N ASP A 157 22.04 -16.76 0.44
CA ASP A 157 22.25 -17.46 1.70
C ASP A 157 23.66 -18.07 1.74
N TRP A 158 23.99 -18.77 2.82
CA TRP A 158 25.34 -19.27 3.01
C TRP A 158 25.32 -20.75 3.37
N SER A 159 26.31 -21.51 2.87
CA SER A 159 26.41 -22.92 3.24
C SER A 159 26.60 -23.09 4.75
N LEU A 160 26.23 -24.25 5.26
CA LEU A 160 26.31 -24.52 6.69
C LEU A 160 27.76 -24.54 7.23
N ASP A 161 28.72 -24.87 6.37
CA ASP A 161 30.13 -24.85 6.78
C ASP A 161 30.70 -23.45 6.67
N HIS A 162 29.87 -22.52 6.17
CA HIS A 162 30.21 -21.10 6.05
C HIS A 162 31.39 -20.84 5.14
N LYS A 163 31.54 -21.65 4.09
CA LYS A 163 32.60 -21.44 3.11
C LYS A 163 32.07 -21.10 1.73
N ILE A 164 30.75 -21.12 1.58
CA ILE A 164 30.12 -20.84 0.29
C ILE A 164 28.97 -19.83 0.43
N PHE A 165 28.89 -18.89 -0.51
CA PHE A 165 27.83 -17.88 -0.55
C PHE A 165 26.99 -18.17 -1.79
N TYR A 166 25.67 -18.26 -1.62
CA TYR A 166 24.77 -18.52 -2.74
C TYR A 166 24.02 -17.25 -3.12
N TYR A 167 23.89 -16.99 -4.43
CA TYR A 167 23.38 -15.69 -4.87
C TYR A 167 22.58 -15.73 -6.16
N ILE A 168 21.46 -15.02 -6.15
CA ILE A 168 20.60 -14.87 -7.33
C ILE A 168 20.52 -13.44 -7.82
N ASP A 169 20.97 -13.23 -9.05
CA ASP A 169 20.58 -12.09 -9.85
C ASP A 169 19.44 -12.66 -10.67
N SER A 170 18.23 -12.15 -10.41
CA SER A 170 17.01 -12.73 -10.96
C SER A 170 17.04 -12.87 -12.48
N LEU A 171 17.57 -11.85 -13.16
CA LEU A 171 17.50 -11.85 -14.62
C LEU A 171 18.60 -12.65 -15.32
N SER A 172 19.44 -13.33 -14.54
CA SER A 172 20.42 -14.26 -15.10
C SER A 172 19.82 -15.66 -15.16
N TYR A 173 18.68 -15.83 -14.49
CA TYR A 173 17.97 -17.11 -14.46
C TYR A 173 18.83 -18.27 -13.94
N THR A 174 19.81 -17.93 -13.10
CA THR A 174 20.62 -18.95 -12.44
C THR A 174 20.76 -18.69 -10.94
N VAL A 175 21.01 -19.76 -10.20
CA VAL A 175 21.52 -19.65 -8.85
C VAL A 175 23.04 -19.79 -8.96
N ASP A 176 23.79 -18.86 -8.35
CA ASP A 176 25.24 -18.87 -8.41
C ASP A 176 25.86 -19.15 -7.04
N ALA A 177 27.14 -19.52 -7.02
CA ALA A 177 27.86 -19.77 -5.78
C ALA A 177 29.22 -19.07 -5.84
N PHE A 178 29.73 -18.69 -4.67
CA PHE A 178 31.05 -18.06 -4.56
C PHE A 178 31.73 -18.73 -3.39
N ASP A 179 33.06 -18.86 -3.44
CA ASP A 179 33.80 -19.14 -2.21
C ASP A 179 33.62 -17.91 -1.33
N TYR A 180 33.48 -18.13 -0.03
CA TYR A 180 33.18 -17.05 0.91
C TYR A 180 34.03 -17.23 2.15
N ASP A 181 34.64 -16.15 2.65
CA ASP A 181 35.48 -16.23 3.84
C ASP A 181 34.78 -15.59 5.03
N LEU A 182 34.45 -16.42 6.01
CA LEU A 182 33.72 -15.98 7.20
C LEU A 182 34.38 -14.82 7.95
N GLN A 183 35.69 -14.89 8.14
CA GLN A 183 36.38 -13.89 8.97
C GLN A 183 36.46 -12.50 8.35
N THR A 184 36.43 -12.44 7.01
CA THR A 184 36.61 -11.16 6.31
C THR A 184 35.39 -10.74 5.50
N GLY A 185 34.50 -11.69 5.21
CA GLY A 185 33.35 -11.42 4.38
C GLY A 185 33.67 -11.26 2.91
N GLN A 186 34.86 -11.71 2.49
CA GLN A 186 35.24 -11.67 1.07
C GLN A 186 34.59 -12.81 0.28
N ILE A 187 34.35 -12.59 -1.00
CA ILE A 187 33.91 -13.68 -1.86
C ILE A 187 34.79 -13.77 -3.10
N SER A 188 34.75 -14.92 -3.77
CA SER A 188 35.46 -15.08 -5.04
C SER A 188 35.00 -16.33 -5.79
N ASN A 189 35.53 -16.51 -7.00
CA ASN A 189 35.30 -17.73 -7.78
C ASN A 189 33.81 -17.97 -8.03
N ARG A 190 33.16 -17.04 -8.72
CA ARG A 190 31.72 -17.17 -9.01
C ARG A 190 31.46 -18.28 -10.03
N ARG A 191 30.50 -19.17 -9.73
CA ARG A 191 30.03 -20.18 -10.70
C ARG A 191 28.53 -20.38 -10.62
N ILE A 192 27.94 -20.89 -11.70
CA ILE A 192 26.53 -21.29 -11.72
C ILE A 192 26.34 -22.62 -11.01
N VAL A 193 25.37 -22.71 -10.10
CA VAL A 193 25.09 -24.00 -9.48
C VAL A 193 23.70 -24.55 -9.79
N TYR A 194 22.83 -23.72 -10.38
CA TYR A 194 21.54 -24.19 -10.88
C TYR A 194 21.01 -23.31 -11.99
N LYS A 195 20.54 -23.95 -13.07
CA LYS A 195 19.90 -23.23 -14.15
C LYS A 195 18.41 -23.43 -14.08
N MET A 196 17.66 -22.34 -13.97
CA MET A 196 16.20 -22.39 -13.92
C MET A 196 15.59 -22.94 -15.20
N GLU A 197 14.60 -23.82 -15.06
CA GLU A 197 13.84 -24.28 -16.22
C GLU A 197 12.83 -23.21 -16.64
N LYS A 198 12.30 -23.35 -17.85
CA LYS A 198 11.35 -22.37 -18.38
C LYS A 198 10.14 -22.18 -17.45
N ASP A 199 9.56 -23.27 -16.99
CA ASP A 199 8.34 -23.14 -16.16
C ASP A 199 8.63 -22.80 -14.70
N GLU A 200 9.90 -22.68 -14.36
CA GLU A 200 10.25 -22.20 -13.02
C GLU A 200 10.38 -20.67 -13.04
N GLN A 201 10.25 -20.10 -14.22
CA GLN A 201 10.17 -18.65 -14.38
C GLN A 201 11.34 -17.91 -13.72
N ILE A 202 11.05 -16.85 -12.97
CA ILE A 202 12.12 -16.00 -12.43
C ILE A 202 12.53 -16.37 -11.00
N PRO A 203 13.82 -16.72 -10.80
CA PRO A 203 14.28 -17.03 -9.44
C PRO A 203 14.29 -15.75 -8.61
N ASP A 204 13.71 -15.83 -7.41
CA ASP A 204 13.52 -14.65 -6.59
C ASP A 204 14.22 -14.86 -5.24
N GLY A 205 13.47 -14.96 -4.15
CA GLY A 205 14.05 -15.22 -2.83
C GLY A 205 14.58 -16.64 -2.64
N MET A 206 15.43 -16.83 -1.63
CA MET A 206 16.09 -18.13 -1.44
C MET A 206 16.47 -18.33 0.02
N CYS A 207 16.38 -19.57 0.51
CA CYS A 207 16.94 -19.89 1.82
C CYS A 207 17.52 -21.30 1.82
N ILE A 208 18.47 -21.54 2.72
CA ILE A 208 19.08 -22.85 2.81
C ILE A 208 18.35 -23.66 3.86
N ASP A 209 18.35 -24.99 3.72
CA ASP A 209 17.78 -25.81 4.79
C ASP A 209 18.90 -26.53 5.55
N ALA A 210 18.53 -27.23 6.62
CA ALA A 210 19.52 -27.87 7.50
C ALA A 210 20.32 -29.00 6.85
N GLU A 211 19.93 -29.43 5.65
CA GLU A 211 20.70 -30.45 4.91
C GLU A 211 21.54 -29.83 3.80
N GLY A 212 21.58 -28.49 3.76
CA GLY A 212 22.43 -27.78 2.83
C GLY A 212 21.82 -27.62 1.45
N LYS A 213 20.52 -27.90 1.35
CA LYS A 213 19.82 -27.71 0.09
C LYS A 213 19.20 -26.30 0.06
N LEU A 214 18.96 -25.79 -1.14
CA LEU A 214 18.44 -24.44 -1.33
C LEU A 214 16.98 -24.44 -1.76
N TRP A 215 16.18 -23.58 -1.15
CA TRP A 215 14.77 -23.43 -1.52
C TRP A 215 14.62 -22.10 -2.21
N VAL A 216 14.08 -22.11 -3.44
CA VAL A 216 14.01 -20.91 -4.25
C VAL A 216 12.57 -20.58 -4.62
N ALA A 217 12.12 -19.37 -4.30
CA ALA A 217 10.79 -18.92 -4.71
C ALA A 217 10.82 -18.49 -6.16
N CYS A 218 9.89 -19.03 -6.93
CA CYS A 218 9.86 -18.82 -8.37
C CYS A 218 8.81 -17.78 -8.75
N TYR A 219 9.24 -16.56 -9.04
CA TYR A 219 8.33 -15.47 -9.30
C TYR A 219 7.68 -15.67 -10.67
N ASN A 220 6.35 -15.69 -10.69
CA ASN A 220 5.51 -16.07 -11.84
C ASN A 220 5.35 -17.59 -11.99
N GLY A 221 6.14 -18.35 -11.23
CA GLY A 221 6.13 -19.79 -11.34
C GLY A 221 5.19 -20.46 -10.36
N GLY A 222 4.61 -19.68 -9.45
CA GLY A 222 3.69 -20.21 -8.45
C GLY A 222 4.20 -21.41 -7.70
N ARG A 223 5.43 -21.36 -7.21
CA ARG A 223 6.03 -22.52 -6.56
C ARG A 223 7.31 -22.15 -5.83
N VAL A 224 7.72 -23.02 -4.90
CA VAL A 224 9.09 -23.02 -4.43
C VAL A 224 9.73 -24.32 -4.93
N ILE A 225 11.01 -24.27 -5.26
CA ILE A 225 11.73 -25.48 -5.65
C ILE A 225 12.87 -25.69 -4.70
N ARG A 226 13.22 -26.97 -4.50
CA ARG A 226 14.34 -27.34 -3.65
C ARG A 226 15.48 -27.84 -4.56
N LEU A 227 16.68 -27.30 -4.35
CA LEU A 227 17.81 -27.57 -5.24
C LEU A 227 18.99 -28.13 -4.48
N ASP A 228 19.76 -29.02 -5.13
CA ASP A 228 21.05 -29.40 -4.59
C ASP A 228 22.14 -28.63 -5.31
N PRO A 229 22.80 -27.71 -4.61
CA PRO A 229 23.82 -26.88 -5.25
C PRO A 229 25.05 -27.71 -5.64
N GLU A 230 25.25 -28.87 -5.02
CA GLU A 230 26.41 -29.70 -5.31
C GLU A 230 26.26 -30.51 -6.60
N THR A 231 25.02 -30.77 -7.00
CA THR A 231 24.77 -31.58 -8.18
C THR A 231 24.13 -30.79 -9.31
N GLY A 232 23.59 -29.61 -9.00
CA GLY A 232 22.90 -28.81 -10.00
C GLY A 232 21.50 -29.31 -10.32
N LYS A 233 20.95 -30.18 -9.49
CA LYS A 233 19.64 -30.79 -9.76
C LYS A 233 18.51 -30.33 -8.83
N ARG A 234 17.30 -30.25 -9.38
CA ARG A 234 16.12 -29.96 -8.55
C ARG A 234 15.69 -31.24 -7.84
N LEU A 235 15.34 -31.11 -6.57
CA LEU A 235 14.99 -32.26 -5.74
C LEU A 235 13.49 -32.33 -5.49
N GLN A 236 12.84 -31.18 -5.55
CA GLN A 236 11.44 -31.11 -5.18
C GLN A 236 10.83 -29.82 -5.71
N THR A 237 9.52 -29.87 -5.93
CA THR A 237 8.74 -28.71 -6.29
C THR A 237 7.49 -28.71 -5.44
N VAL A 238 7.16 -27.57 -4.83
CA VAL A 238 5.84 -27.45 -4.21
C VAL A 238 5.09 -26.21 -4.68
N LYS A 239 3.94 -26.45 -5.29
CA LYS A 239 3.17 -25.40 -5.93
C LYS A 239 2.27 -24.68 -4.93
N LEU A 240 1.95 -23.43 -5.23
CA LEU A 240 1.07 -22.63 -4.42
C LEU A 240 0.00 -22.04 -5.33
N PRO A 241 -1.17 -21.68 -4.77
CA PRO A 241 -2.26 -21.07 -5.55
C PRO A 241 -2.05 -19.59 -5.92
N VAL A 242 -0.83 -19.08 -5.81
CA VAL A 242 -0.53 -17.73 -6.28
C VAL A 242 0.69 -17.79 -7.19
N ASP A 243 0.67 -17.05 -8.29
CA ASP A 243 1.78 -17.14 -9.27
C ASP A 243 3.03 -16.37 -8.85
N LYS A 244 2.83 -15.19 -8.25
CA LYS A 244 3.96 -14.32 -7.93
C LYS A 244 4.55 -14.60 -6.54
N THR A 245 5.01 -15.84 -6.36
CA THR A 245 5.70 -16.22 -5.13
C THR A 245 7.07 -15.54 -5.13
N THR A 246 7.35 -14.75 -4.08
CA THR A 246 8.53 -13.90 -4.10
C THR A 246 9.70 -14.37 -3.23
N SER A 247 9.41 -14.97 -2.09
CA SER A 247 10.49 -15.37 -1.19
C SER A 247 10.01 -16.37 -0.18
N CYS A 248 10.95 -16.92 0.58
CA CYS A 248 10.66 -17.97 1.54
C CYS A 248 11.70 -17.96 2.65
N CYS A 249 11.29 -18.41 3.83
CA CYS A 249 12.21 -18.59 4.96
C CYS A 249 11.63 -19.71 5.80
N PHE A 250 12.43 -20.27 6.69
CA PHE A 250 11.91 -21.24 7.65
C PHE A 250 11.60 -20.58 8.98
N GLY A 251 10.57 -21.07 9.65
CA GLY A 251 10.12 -20.46 10.89
C GLY A 251 9.42 -21.46 11.79
N GLY A 252 8.77 -20.94 12.83
CA GLY A 252 8.08 -21.77 13.79
C GLY A 252 9.02 -22.57 14.68
N LYS A 253 8.43 -23.49 15.45
CA LYS A 253 9.21 -24.37 16.34
C LYS A 253 10.26 -25.16 15.57
N ASP A 254 11.51 -24.99 15.97
CA ASP A 254 12.64 -25.71 15.38
C ASP A 254 12.77 -25.46 13.88
N TYR A 255 12.26 -24.32 13.40
CA TYR A 255 12.39 -23.97 11.98
C TYR A 255 11.86 -25.06 11.06
N SER A 256 10.74 -25.66 11.44
CA SER A 256 10.19 -26.79 10.70
C SER A 256 9.08 -26.38 9.72
N GLU A 257 8.69 -25.11 9.77
CA GLU A 257 7.66 -24.61 8.86
C GLU A 257 8.24 -23.58 7.89
N MET A 258 7.73 -23.54 6.67
CA MET A 258 8.20 -22.56 5.69
C MET A 258 7.16 -21.48 5.44
N TYR A 259 7.57 -20.23 5.57
CA TYR A 259 6.70 -19.11 5.22
C TYR A 259 7.05 -18.59 3.82
N VAL A 260 6.01 -18.34 3.02
CA VAL A 260 6.19 -17.88 1.64
C VAL A 260 5.44 -16.57 1.45
N THR A 261 6.13 -15.56 0.92
CA THR A 261 5.52 -14.28 0.59
C THR A 261 5.17 -14.27 -0.89
N CYS A 262 4.26 -13.39 -1.29
CA CYS A 262 3.90 -13.28 -2.70
C CYS A 262 3.30 -11.91 -3.02
N ALA A 263 3.01 -11.67 -4.30
CA ALA A 263 2.60 -10.33 -4.74
C ALA A 263 1.28 -10.32 -5.50
N ARG A 264 0.57 -9.21 -5.43
CA ARG A 264 -0.56 -8.97 -6.35
C ARG A 264 -0.22 -7.92 -7.41
N ASP A 265 0.83 -7.13 -7.20
CA ASP A 265 1.24 -6.15 -8.20
C ASP A 265 1.56 -6.87 -9.50
N GLY A 266 1.14 -6.27 -10.61
CA GLY A 266 1.45 -6.84 -11.91
C GLY A 266 0.36 -7.74 -12.45
N LEU A 267 -0.57 -8.14 -11.60
CA LEU A 267 -1.68 -9.00 -11.99
C LEU A 267 -2.76 -8.16 -12.68
N ASN A 268 -3.32 -8.65 -13.78
CA ASN A 268 -4.48 -7.99 -14.38
C ASN A 268 -5.77 -8.36 -13.65
N ALA A 269 -6.88 -7.76 -14.06
CA ALA A 269 -8.16 -7.96 -13.41
C ALA A 269 -8.54 -9.45 -13.35
N GLU A 270 -8.28 -10.16 -14.45
CA GLU A 270 -8.56 -11.61 -14.47
C GLU A 270 -7.66 -12.35 -13.50
N GLY A 271 -6.39 -11.96 -13.47
CA GLY A 271 -5.42 -12.61 -12.60
C GLY A 271 -5.77 -12.48 -11.12
N LEU A 272 -6.24 -11.30 -10.71
CA LEU A 272 -6.63 -11.09 -9.32
C LEU A 272 -7.76 -12.02 -8.92
N LEU A 273 -8.74 -12.17 -9.80
CA LEU A 273 -9.89 -13.02 -9.55
C LEU A 273 -9.52 -14.49 -9.48
N ARG A 274 -8.57 -14.89 -10.32
CA ARG A 274 -8.10 -16.27 -10.31
C ARG A 274 -7.19 -16.55 -9.11
N GLN A 275 -6.59 -15.48 -8.56
CA GLN A 275 -5.70 -15.63 -7.41
C GLN A 275 -6.17 -14.75 -6.26
N PRO A 276 -7.23 -15.20 -5.57
CA PRO A 276 -7.81 -14.38 -4.50
C PRO A 276 -6.86 -14.14 -3.34
N ASP A 277 -5.84 -14.99 -3.19
CA ASP A 277 -4.90 -14.82 -2.08
C ASP A 277 -3.58 -14.18 -2.49
N ALA A 278 -3.56 -13.60 -3.68
CA ALA A 278 -2.40 -12.86 -4.13
C ALA A 278 -2.04 -11.77 -3.11
N GLY A 279 -0.76 -11.73 -2.71
CA GLY A 279 -0.31 -10.76 -1.73
C GLY A 279 -0.30 -11.25 -0.29
N ASN A 280 -0.88 -12.41 -0.04
CA ASN A 280 -1.00 -12.90 1.34
C ASN A 280 0.21 -13.74 1.77
N ILE A 281 0.30 -14.10 3.05
CA ILE A 281 1.40 -14.94 3.50
C ILE A 281 0.94 -16.39 3.56
N PHE A 282 1.75 -17.30 3.00
CA PHE A 282 1.46 -18.72 3.08
C PHE A 282 2.42 -19.43 4.01
N LYS A 283 1.96 -20.54 4.59
CA LYS A 283 2.82 -21.41 5.38
C LYS A 283 2.80 -22.81 4.79
N ILE A 284 3.97 -23.43 4.67
CA ILE A 284 4.03 -24.80 4.17
C ILE A 284 4.54 -25.72 5.28
N THR A 285 3.76 -26.75 5.58
CA THR A 285 4.09 -27.70 6.64
C THR A 285 4.26 -29.09 6.03
N GLY A 286 4.98 -29.97 6.72
CA GLY A 286 5.13 -31.35 6.27
C GLY A 286 6.22 -31.54 5.25
N LEU A 287 7.14 -30.59 5.14
CA LEU A 287 8.24 -30.69 4.18
C LEU A 287 9.28 -31.77 4.52
N GLY A 288 9.44 -32.06 5.81
CA GLY A 288 10.39 -33.09 6.20
C GLY A 288 11.82 -32.62 6.38
N VAL A 289 12.06 -31.32 6.23
CA VAL A 289 13.34 -30.70 6.59
C VAL A 289 13.09 -29.48 7.45
N LYS A 290 14.10 -29.11 8.23
CA LYS A 290 14.07 -27.88 9.00
C LYS A 290 15.03 -26.91 8.33
N GLY A 291 14.81 -25.61 8.54
CA GLY A 291 15.79 -24.62 8.12
C GLY A 291 16.69 -24.29 9.28
N ILE A 292 17.38 -23.16 9.19
CA ILE A 292 18.19 -22.69 10.30
C ILE A 292 17.75 -21.29 10.70
N ALA A 293 18.14 -20.87 11.91
CA ALA A 293 17.81 -19.54 12.40
C ALA A 293 18.48 -18.48 11.54
N PRO A 294 17.84 -17.31 11.42
CA PRO A 294 18.49 -16.23 10.69
C PRO A 294 19.62 -15.66 11.56
N TYR A 295 20.64 -15.07 10.96
CA TYR A 295 21.62 -14.38 11.77
C TYR A 295 21.20 -12.93 12.00
N SER A 296 21.64 -12.34 13.11
CA SER A 296 21.28 -10.95 13.43
C SER A 296 22.44 -10.02 13.10
N TYR A 297 22.11 -8.83 12.62
CA TYR A 297 23.13 -7.87 12.24
C TYR A 297 23.92 -7.43 13.47
N ALA A 298 25.25 -7.42 13.37
CA ALA A 298 26.11 -7.22 14.55
C ALA A 298 26.54 -5.78 14.79
N GLY A 299 25.93 -4.84 14.09
CA GLY A 299 26.19 -3.44 14.35
C GLY A 299 24.96 -2.68 14.83
N SER B 3 -18.05 17.49 25.36
CA SER B 3 -16.62 17.54 25.05
C SER B 3 -16.31 16.95 23.67
N ILE B 4 -15.59 17.71 22.84
CA ILE B 4 -15.14 17.19 21.56
C ILE B 4 -14.00 16.22 21.81
N LYS B 5 -14.11 15.02 21.27
CA LYS B 5 -13.09 14.00 21.45
C LYS B 5 -12.64 13.48 20.09
N VAL B 6 -11.33 13.44 19.88
CA VAL B 6 -10.78 12.87 18.66
C VAL B 6 -10.04 11.57 18.99
N GLU B 7 -10.45 10.47 18.36
CA GLU B 7 -9.85 9.17 18.65
C GLU B 7 -9.44 8.47 17.38
N CYS B 8 -8.25 7.86 17.41
CA CYS B 8 -7.82 7.04 16.28
C CYS B 8 -8.44 5.66 16.44
N VAL B 9 -9.36 5.31 15.54
CA VAL B 9 -10.18 4.12 15.72
C VAL B 9 -9.81 2.94 14.82
N LEU B 10 -9.06 3.19 13.76
CA LEU B 10 -8.62 2.10 12.89
C LEU B 10 -7.17 2.32 12.50
N ARG B 11 -6.26 1.47 12.98
CA ARG B 11 -4.83 1.74 12.83
C ARG B 11 -4.17 0.89 11.76
N GLU B 12 -4.58 1.11 10.52
CA GLU B 12 -4.17 0.23 9.44
C GLU B 12 -3.12 0.86 8.53
N ASN B 13 -2.77 2.12 8.80
CA ASN B 13 -1.71 2.81 8.07
C ASN B 13 -1.90 2.81 6.54
N TYR B 14 -3.04 3.30 6.05
CA TYR B 14 -3.27 3.40 4.61
C TYR B 14 -2.33 4.42 4.02
N ARG B 15 -1.95 4.27 2.75
CA ARG B 15 -1.08 5.26 2.12
C ARG B 15 -1.82 6.59 1.91
N CYS B 16 -3.05 6.48 1.45
CA CYS B 16 -3.90 7.65 1.24
C CYS B 16 -5.35 7.21 1.35
N GLY B 17 -5.85 7.16 2.58
CA GLY B 17 -7.26 6.86 2.83
C GLY B 17 -8.12 7.96 2.26
N GLU B 18 -9.26 7.59 1.67
CA GLU B 18 -10.12 8.54 0.97
C GLU B 18 -11.56 8.06 0.91
N SER B 19 -12.46 8.96 0.53
CA SER B 19 -13.86 8.61 0.25
C SER B 19 -14.58 7.79 1.34
N PRO B 20 -14.56 8.27 2.60
CA PRO B 20 -15.29 7.51 3.62
C PRO B 20 -16.80 7.63 3.44
N VAL B 21 -17.51 6.51 3.52
CA VAL B 21 -18.96 6.49 3.40
C VAL B 21 -19.51 5.57 4.48
N TRP B 22 -20.50 6.05 5.24
CA TRP B 22 -21.12 5.24 6.28
C TRP B 22 -22.27 4.37 5.75
N GLU B 23 -22.19 3.07 5.97
CA GLU B 23 -23.30 2.20 5.59
C GLU B 23 -24.02 1.73 6.85
N GLU B 24 -25.15 2.39 7.16
CA GLU B 24 -25.90 2.08 8.38
C GLU B 24 -26.40 0.63 8.39
N ALA B 25 -26.73 0.12 7.22
CA ALA B 25 -27.30 -1.22 7.09
C ALA B 25 -26.34 -2.31 7.55
N SER B 26 -25.05 -2.07 7.37
CA SER B 26 -24.03 -3.04 7.78
C SER B 26 -23.22 -2.49 8.94
N GLN B 27 -23.53 -1.26 9.35
CA GLN B 27 -22.81 -0.56 10.42
C GLN B 27 -21.32 -0.52 10.11
N SER B 28 -21.00 -0.23 8.84
CA SER B 28 -19.63 -0.32 8.37
C SER B 28 -19.20 0.98 7.72
N LEU B 29 -17.90 1.26 7.78
CA LEU B 29 -17.35 2.39 7.06
C LEU B 29 -16.69 1.86 5.80
N LEU B 30 -17.08 2.41 4.66
CA LEU B 30 -16.40 2.08 3.41
C LEU B 30 -15.50 3.23 3.05
N PHE B 31 -14.41 2.92 2.34
CA PHE B 31 -13.45 3.94 1.93
C PHE B 31 -12.45 3.26 1.01
N VAL B 32 -11.52 4.05 0.47
CA VAL B 32 -10.53 3.50 -0.43
C VAL B 32 -9.14 3.86 0.08
N ASP B 33 -8.13 3.10 -0.31
CA ASP B 33 -6.74 3.53 -0.16
C ASP B 33 -6.20 3.61 -1.59
N ILE B 34 -6.12 4.83 -2.11
CA ILE B 34 -5.96 5.01 -3.56
C ILE B 34 -4.77 4.29 -4.20
N PRO B 35 -3.53 4.57 -3.77
CA PRO B 35 -2.42 3.90 -4.47
C PRO B 35 -2.31 2.43 -4.13
N SER B 36 -2.95 2.02 -3.04
CA SER B 36 -2.90 0.63 -2.67
C SER B 36 -3.89 -0.25 -3.44
N LYS B 37 -4.72 0.39 -4.27
CA LYS B 37 -5.62 -0.33 -5.18
C LYS B 37 -6.60 -1.23 -4.42
N ILE B 38 -7.13 -0.72 -3.32
CA ILE B 38 -8.09 -1.45 -2.53
C ILE B 38 -9.31 -0.63 -2.12
N ILE B 39 -10.47 -1.28 -2.16
CA ILE B 39 -11.66 -0.72 -1.53
C ILE B 39 -11.78 -1.45 -0.20
N CYS B 40 -12.11 -0.74 0.86
CA CYS B 40 -12.16 -1.34 2.19
C CYS B 40 -13.54 -1.21 2.79
N ARG B 41 -13.94 -2.24 3.52
CA ARG B 41 -15.17 -2.16 4.30
C ARG B 41 -14.83 -2.54 5.73
N TRP B 42 -14.89 -1.56 6.62
CA TRP B 42 -14.59 -1.78 8.03
C TRP B 42 -15.86 -1.95 8.84
N ASP B 43 -16.13 -3.18 9.23
CA ASP B 43 -17.27 -3.51 10.10
C ASP B 43 -16.96 -2.99 11.50
N THR B 44 -17.69 -1.98 11.95
CA THR B 44 -17.40 -1.34 13.24
C THR B 44 -17.85 -2.18 14.45
N VAL B 45 -18.54 -3.29 14.18
CA VAL B 45 -19.00 -4.17 15.26
C VAL B 45 -18.04 -5.36 15.46
N SER B 46 -17.76 -6.09 14.39
CA SER B 46 -16.78 -7.16 14.42
C SER B 46 -15.36 -6.60 14.50
N ASN B 47 -15.22 -5.33 14.12
CA ASN B 47 -13.93 -4.64 14.04
C ASN B 47 -12.96 -5.28 13.04
N GLN B 48 -13.51 -5.93 12.01
CA GLN B 48 -12.68 -6.49 10.96
C GLN B 48 -12.78 -5.66 9.67
N VAL B 49 -11.69 -5.63 8.91
CA VAL B 49 -11.67 -4.92 7.65
C VAL B 49 -11.63 -5.92 6.51
N GLN B 50 -12.52 -5.77 5.55
CA GLN B 50 -12.46 -6.57 4.34
C GLN B 50 -11.94 -5.69 3.22
N ARG B 51 -11.14 -6.27 2.34
CA ARG B 51 -10.60 -5.51 1.22
C ARG B 51 -10.89 -6.19 -0.10
N VAL B 52 -11.16 -5.37 -1.12
CA VAL B 52 -11.22 -5.86 -2.48
C VAL B 52 -10.09 -5.19 -3.25
N ALA B 53 -9.14 -6.00 -3.72
CA ALA B 53 -8.04 -5.48 -4.52
C ALA B 53 -8.50 -5.35 -5.95
N VAL B 54 -8.11 -4.27 -6.61
CA VAL B 54 -8.47 -4.06 -8.02
C VAL B 54 -7.21 -3.75 -8.84
N ASP B 55 -7.36 -3.70 -10.15
CA ASP B 55 -6.18 -3.64 -11.02
C ASP B 55 -5.59 -2.25 -11.22
N ALA B 56 -6.21 -1.23 -10.62
CA ALA B 56 -5.78 0.15 -10.81
C ALA B 56 -6.16 0.95 -9.57
N PRO B 57 -5.56 2.13 -9.40
CA PRO B 57 -5.96 2.97 -8.26
C PRO B 57 -7.46 3.23 -8.25
N VAL B 58 -8.07 3.16 -7.08
CA VAL B 58 -9.49 3.38 -6.95
C VAL B 58 -9.71 4.58 -6.03
N SER B 59 -10.44 5.58 -6.50
CA SER B 59 -10.45 6.88 -5.86
C SER B 59 -11.69 7.19 -5.04
N SER B 60 -12.77 6.48 -5.32
CA SER B 60 -13.98 6.71 -4.55
C SER B 60 -14.89 5.50 -4.57
N VAL B 61 -15.76 5.43 -3.57
CA VAL B 61 -16.71 4.33 -3.44
C VAL B 61 -18.02 4.92 -2.92
N ALA B 62 -19.15 4.33 -3.33
CA ALA B 62 -20.46 4.79 -2.91
C ALA B 62 -21.40 3.60 -2.82
N LEU B 63 -22.53 3.80 -2.16
CA LEU B 63 -23.54 2.76 -2.01
C LEU B 63 -24.33 2.60 -3.30
N ARG B 64 -24.75 1.38 -3.60
CA ARG B 64 -25.58 1.12 -4.77
C ARG B 64 -26.91 0.55 -4.32
N GLN B 65 -28.00 1.26 -4.65
CA GLN B 65 -29.32 0.93 -4.12
C GLN B 65 -29.72 -0.52 -4.41
N LEU B 66 -29.46 -1.00 -5.62
CA LEU B 66 -29.85 -2.37 -5.98
C LEU B 66 -28.99 -3.43 -5.32
N GLY B 67 -27.88 -3.01 -4.68
CA GLY B 67 -27.00 -3.93 -4.00
C GLY B 67 -25.53 -3.72 -4.30
N GLY B 68 -24.69 -4.01 -3.32
CA GLY B 68 -23.26 -3.85 -3.50
C GLY B 68 -22.89 -2.38 -3.59
N TYR B 69 -21.83 -2.09 -4.34
CA TYR B 69 -21.29 -0.75 -4.31
C TYR B 69 -20.96 -0.31 -5.72
N VAL B 70 -20.68 0.98 -5.87
CA VAL B 70 -20.12 1.50 -7.10
C VAL B 70 -18.81 2.19 -6.73
N ALA B 71 -17.91 2.32 -7.69
CA ALA B 71 -16.61 2.91 -7.41
C ALA B 71 -16.06 3.56 -8.65
N THR B 72 -15.06 4.42 -8.49
CA THR B 72 -14.36 4.99 -9.62
C THR B 72 -12.94 4.40 -9.65
N ILE B 73 -12.65 3.66 -10.71
CA ILE B 73 -11.38 2.95 -10.82
C ILE B 73 -10.77 3.42 -12.11
N GLY B 74 -9.56 3.97 -12.03
CA GLY B 74 -8.96 4.61 -13.19
C GLY B 74 -9.92 5.68 -13.66
N THR B 75 -10.25 5.67 -14.94
CA THR B 75 -11.26 6.58 -15.49
C THR B 75 -12.57 5.86 -15.82
N LYS B 76 -12.91 4.85 -15.03
CA LYS B 76 -14.18 4.14 -15.23
C LYS B 76 -15.12 4.22 -14.05
N PHE B 77 -16.40 4.46 -14.33
CA PHE B 77 -17.46 4.26 -13.35
C PHE B 77 -17.73 2.76 -13.27
N CYS B 78 -17.67 2.17 -12.09
CA CYS B 78 -17.79 0.72 -11.99
C CYS B 78 -18.75 0.31 -10.92
N ALA B 79 -19.32 -0.87 -11.08
CA ALA B 79 -20.10 -1.47 -9.99
C ALA B 79 -19.21 -2.51 -9.36
N LEU B 80 -19.50 -2.81 -8.09
CA LEU B 80 -18.68 -3.74 -7.35
C LEU B 80 -19.56 -4.86 -6.78
N ASN B 81 -19.22 -6.11 -7.10
CA ASN B 81 -19.84 -7.24 -6.42
C ASN B 81 -18.89 -7.66 -5.31
N TRP B 82 -19.25 -7.35 -4.06
CA TRP B 82 -18.30 -7.45 -2.97
C TRP B 82 -17.85 -8.88 -2.72
N GLU B 83 -18.81 -9.79 -2.63
CA GLU B 83 -18.50 -11.21 -2.35
C GLU B 83 -17.61 -11.89 -3.38
N ASN B 84 -17.72 -11.51 -4.65
CA ASN B 84 -16.85 -12.08 -5.66
C ASN B 84 -15.63 -11.21 -5.96
N GLN B 85 -15.55 -10.05 -5.31
CA GLN B 85 -14.46 -9.08 -5.54
C GLN B 85 -14.36 -8.71 -7.01
N SER B 86 -15.51 -8.66 -7.67
CA SER B 86 -15.52 -8.47 -9.11
C SER B 86 -16.00 -7.08 -9.46
N VAL B 87 -15.37 -6.49 -10.46
CA VAL B 87 -15.81 -5.18 -10.93
C VAL B 87 -16.47 -5.24 -12.29
N PHE B 88 -17.54 -4.45 -12.43
CA PHE B 88 -18.31 -4.37 -13.65
C PHE B 88 -18.27 -2.94 -14.14
N VAL B 89 -17.68 -2.74 -15.32
CA VAL B 89 -17.57 -1.41 -15.89
C VAL B 89 -18.97 -0.90 -16.29
N LEU B 90 -19.34 0.28 -15.80
CA LEU B 90 -20.62 0.89 -16.15
C LEU B 90 -20.48 1.93 -17.26
N ALA B 91 -19.35 2.64 -17.25
CA ALA B 91 -19.10 3.72 -18.21
C ALA B 91 -17.65 4.17 -18.14
N MET B 92 -17.20 4.86 -19.20
CA MET B 92 -15.81 5.26 -19.33
C MET B 92 -15.73 6.76 -19.66
N VAL B 93 -14.79 7.47 -19.04
CA VAL B 93 -14.60 8.90 -19.34
C VAL B 93 -13.14 9.19 -19.66
N ASP B 94 -12.86 10.42 -20.09
CA ASP B 94 -11.50 10.86 -20.44
C ASP B 94 -10.75 9.84 -21.29
N GLU B 95 -11.44 9.25 -22.27
CA GLU B 95 -10.82 8.23 -23.12
C GLU B 95 -9.54 8.75 -23.78
N ASP B 96 -9.55 10.04 -24.10
CA ASP B 96 -8.45 10.68 -24.80
C ASP B 96 -7.32 11.18 -23.89
N LYS B 97 -7.47 11.00 -22.59
CA LYS B 97 -6.43 11.42 -21.65
C LYS B 97 -5.44 10.29 -21.36
N LYS B 98 -4.16 10.61 -21.41
CA LYS B 98 -3.10 9.62 -21.25
C LYS B 98 -3.02 9.03 -19.84
N ASN B 99 -2.87 9.91 -18.86
CA ASN B 99 -2.65 9.48 -17.49
C ASN B 99 -3.58 10.20 -16.52
N ASN B 100 -4.88 10.13 -16.80
CA ASN B 100 -5.88 10.68 -15.88
C ASN B 100 -6.46 9.58 -14.99
N ARG B 101 -7.10 10.00 -13.91
CA ARG B 101 -7.90 9.09 -13.08
C ARG B 101 -9.00 9.90 -12.44
N PHE B 102 -10.06 9.22 -12.01
CA PHE B 102 -11.06 9.88 -11.20
C PHE B 102 -10.42 10.24 -9.87
N ASN B 103 -10.98 11.24 -9.19
CA ASN B 103 -10.63 11.44 -7.78
C ASN B 103 -11.88 11.33 -6.91
N ASP B 104 -12.30 12.41 -6.25
CA ASP B 104 -13.41 12.25 -5.33
C ASP B 104 -14.76 12.18 -6.06
N GLY B 105 -15.70 11.47 -5.44
CA GLY B 105 -17.03 11.31 -5.99
C GLY B 105 -18.08 11.19 -4.90
N LYS B 106 -19.34 11.41 -5.24
CA LYS B 106 -20.43 11.26 -4.29
C LYS B 106 -21.74 11.19 -5.07
N VAL B 107 -22.73 10.49 -4.56
N VAL B 107 -22.72 10.50 -4.51
CA VAL B 107 -24.01 10.44 -5.26
CA VAL B 107 -24.05 10.38 -5.11
C VAL B 107 -24.98 11.50 -4.78
C VAL B 107 -24.97 11.56 -4.74
N ASP B 108 -25.60 12.18 -5.74
CA ASP B 108 -26.49 13.32 -5.48
C ASP B 108 -27.84 12.87 -4.89
N PRO B 109 -28.72 13.83 -4.52
CA PRO B 109 -29.97 13.35 -3.88
C PRO B 109 -30.94 12.64 -4.83
N ALA B 110 -30.62 12.59 -6.12
CA ALA B 110 -31.43 11.86 -7.10
C ALA B 110 -30.77 10.56 -7.55
N GLY B 111 -29.71 10.14 -6.86
CA GLY B 111 -29.08 8.86 -7.15
C GLY B 111 -28.13 8.88 -8.33
N ARG B 112 -27.64 10.06 -8.69
CA ARG B 112 -26.63 10.18 -9.74
C ARG B 112 -25.24 10.21 -9.09
N TYR B 113 -24.29 9.48 -9.66
CA TYR B 113 -22.94 9.36 -9.10
C TYR B 113 -22.05 10.44 -9.71
N PHE B 114 -21.86 11.55 -9.00
CA PHE B 114 -20.91 12.58 -9.44
C PHE B 114 -19.48 12.15 -9.12
N ALA B 115 -18.57 12.40 -10.07
CA ALA B 115 -17.13 12.22 -9.83
C ALA B 115 -16.35 13.05 -10.83
N GLY B 116 -15.23 13.57 -10.39
CA GLY B 116 -14.39 14.36 -11.27
C GLY B 116 -13.05 13.72 -11.47
N THR B 117 -12.31 14.19 -12.46
CA THR B 117 -11.03 13.58 -12.79
C THR B 117 -9.89 14.57 -12.56
N MET B 118 -8.67 14.07 -12.77
CA MET B 118 -7.45 14.85 -12.58
C MET B 118 -6.35 14.12 -13.36
N ALA B 119 -5.25 14.82 -13.64
CA ALA B 119 -4.05 14.14 -14.10
C ALA B 119 -3.44 13.38 -12.92
N GLU B 120 -2.72 12.30 -13.21
CA GLU B 120 -2.04 11.55 -12.15
C GLU B 120 -0.87 12.35 -11.56
N GLU B 121 -0.75 12.31 -10.23
CA GLU B 121 0.27 13.06 -9.50
C GLU B 121 1.61 12.32 -9.49
N THR B 122 2.70 13.08 -9.57
CA THR B 122 4.04 12.55 -9.32
C THR B 122 4.39 12.74 -7.84
N ALA B 123 3.70 13.70 -7.21
CA ALA B 123 3.83 13.99 -5.78
C ALA B 123 2.54 14.72 -5.40
N PRO B 124 2.28 14.91 -4.09
CA PRO B 124 1.08 15.68 -3.69
C PRO B 124 0.98 17.05 -4.39
N ALA B 125 -0.16 17.30 -5.05
CA ALA B 125 -0.40 18.53 -5.82
C ALA B 125 0.65 18.84 -6.91
N VAL B 126 1.42 17.82 -7.31
CA VAL B 126 2.35 17.94 -8.42
C VAL B 126 1.85 17.08 -9.58
N LEU B 127 1.21 17.72 -10.56
CA LEU B 127 0.56 17.01 -11.65
C LEU B 127 0.47 17.91 -12.87
N GLU B 128 0.11 17.32 -14.01
CA GLU B 128 -0.23 18.11 -15.20
C GLU B 128 -1.50 18.91 -14.90
N ARG B 129 -1.47 20.21 -15.19
CA ARG B 129 -2.54 21.12 -14.75
C ARG B 129 -3.79 21.15 -15.64
N HIS B 130 -4.96 21.33 -15.01
CA HIS B 130 -6.25 21.48 -15.69
C HIS B 130 -6.62 20.33 -16.62
N GLN B 131 -6.22 19.12 -16.27
CA GLN B 131 -6.50 17.95 -17.09
C GLN B 131 -7.81 17.27 -16.71
N GLY B 132 -8.52 17.85 -15.75
CA GLY B 132 -9.69 17.20 -15.19
C GLY B 132 -11.01 17.75 -15.66
N SER B 133 -12.07 16.99 -15.41
CA SER B 133 -13.43 17.43 -15.69
C SER B 133 -14.34 16.87 -14.61
N LEU B 134 -15.50 17.48 -14.43
CA LEU B 134 -16.51 16.93 -13.55
C LEU B 134 -17.56 16.15 -14.36
N TYR B 135 -17.91 14.96 -13.91
CA TYR B 135 -18.89 14.12 -14.61
C TYR B 135 -19.98 13.65 -13.65
N SER B 136 -21.12 13.25 -14.19
CA SER B 136 -22.09 12.50 -13.38
C SER B 136 -22.60 11.28 -14.15
N LEU B 137 -22.65 10.15 -13.46
CA LEU B 137 -23.20 8.91 -14.00
C LEU B 137 -24.67 8.86 -13.64
N PHE B 138 -25.53 8.92 -14.65
CA PHE B 138 -26.98 8.90 -14.44
C PHE B 138 -27.43 7.47 -14.18
N PRO B 139 -28.62 7.29 -13.58
CA PRO B 139 -29.10 5.94 -13.26
C PRO B 139 -29.23 5.06 -14.49
N ASP B 140 -29.37 5.67 -15.68
CA ASP B 140 -29.44 4.89 -16.93
C ASP B 140 -28.07 4.57 -17.52
N HIS B 141 -27.01 4.91 -16.79
CA HIS B 141 -25.61 4.63 -17.16
C HIS B 141 -25.05 5.57 -18.23
N SER B 142 -25.82 6.59 -18.59
CA SER B 142 -25.29 7.65 -19.43
C SER B 142 -24.47 8.60 -18.55
N VAL B 143 -23.59 9.37 -19.17
CA VAL B 143 -22.69 10.24 -18.42
C VAL B 143 -22.81 11.67 -18.92
N LYS B 144 -23.05 12.61 -18.00
CA LYS B 144 -23.03 14.03 -18.35
C LYS B 144 -21.70 14.66 -17.95
N LYS B 145 -21.12 15.44 -18.87
CA LYS B 145 -19.88 16.16 -18.61
C LYS B 145 -20.21 17.63 -18.35
N TYR B 146 -19.78 18.12 -17.19
CA TYR B 146 -20.19 19.46 -16.75
C TYR B 146 -19.25 20.57 -17.14
N PHE B 147 -18.00 20.45 -16.72
CA PHE B 147 -16.96 21.42 -17.07
C PHE B 147 -15.61 20.72 -17.08
N ASP B 148 -14.67 21.26 -17.85
CA ASP B 148 -13.31 20.74 -17.90
C ASP B 148 -12.38 21.73 -17.21
N GLN B 149 -11.07 21.55 -17.40
CA GLN B 149 -10.06 22.46 -16.85
C GLN B 149 -9.90 22.36 -15.32
N VAL B 150 -10.48 21.32 -14.73
CA VAL B 150 -10.28 21.01 -13.31
C VAL B 150 -8.85 20.52 -13.06
N ASP B 151 -8.22 21.07 -12.01
CA ASP B 151 -6.88 20.61 -11.61
C ASP B 151 -7.00 19.29 -10.87
N ILE B 152 -7.65 19.34 -9.71
CA ILE B 152 -7.82 18.15 -8.87
C ILE B 152 -9.25 18.13 -8.34
N SER B 153 -10.12 17.36 -8.99
CA SER B 153 -11.52 17.33 -8.58
C SER B 153 -11.64 16.75 -7.18
N ASN B 154 -12.24 17.49 -6.27
CA ASN B 154 -12.32 17.00 -4.89
C ASN B 154 -13.69 17.00 -4.20
N GLY B 155 -13.73 17.46 -2.97
CA GLY B 155 -14.92 17.31 -2.14
C GLY B 155 -16.16 17.92 -2.75
N LEU B 156 -17.31 17.32 -2.48
CA LEU B 156 -18.54 17.79 -3.09
C LEU B 156 -19.74 17.35 -2.27
N ASP B 157 -20.79 18.18 -2.28
CA ASP B 157 -22.03 17.83 -1.61
C ASP B 157 -23.17 18.75 -2.07
N TRP B 158 -24.34 18.57 -1.47
CA TRP B 158 -25.55 19.30 -1.88
C TRP B 158 -26.29 19.86 -0.68
N SER B 159 -26.87 21.05 -0.83
CA SER B 159 -27.70 21.66 0.22
C SER B 159 -28.87 20.74 0.59
N LEU B 160 -29.40 20.92 1.79
CA LEU B 160 -30.49 20.06 2.27
C LEU B 160 -31.77 20.25 1.46
N ASP B 161 -31.93 21.41 0.83
CA ASP B 161 -33.11 21.67 0.01
C ASP B 161 -32.85 21.34 -1.46
N HIS B 162 -31.67 20.77 -1.71
CA HIS B 162 -31.32 20.22 -3.01
C HIS B 162 -31.30 21.26 -4.15
N LYS B 163 -31.04 22.52 -3.80
CA LYS B 163 -30.98 23.59 -4.80
C LYS B 163 -29.58 24.13 -5.02
N ILE B 164 -28.65 23.73 -4.15
CA ILE B 164 -27.26 24.19 -4.21
C ILE B 164 -26.30 23.00 -4.33
N PHE B 165 -25.30 23.10 -5.19
CA PHE B 165 -24.27 22.08 -5.31
C PHE B 165 -22.96 22.69 -4.83
N TYR B 166 -22.30 22.04 -3.88
CA TYR B 166 -21.03 22.53 -3.34
C TYR B 166 -19.84 21.75 -3.90
N TYR B 167 -18.77 22.45 -4.25
CA TYR B 167 -17.70 21.83 -5.03
C TYR B 167 -16.31 22.39 -4.77
N ILE B 168 -15.37 21.48 -4.59
CA ILE B 168 -13.98 21.80 -4.37
C ILE B 168 -13.08 21.26 -5.48
N ASP B 169 -12.41 22.16 -6.21
CA ASP B 169 -11.23 21.81 -7.00
C ASP B 169 -10.04 22.28 -6.15
N SER B 170 -9.22 21.31 -5.73
CA SER B 170 -8.26 21.52 -4.65
C SER B 170 -7.28 22.67 -4.91
N LEU B 171 -6.89 22.85 -6.16
CA LEU B 171 -5.89 23.87 -6.47
C LEU B 171 -6.50 25.24 -6.79
N SER B 172 -7.80 25.37 -6.59
CA SER B 172 -8.44 26.69 -6.55
C SER B 172 -8.38 27.24 -5.12
N TYR B 173 -8.16 26.33 -4.17
CA TYR B 173 -8.12 26.65 -2.74
C TYR B 173 -9.38 27.38 -2.30
N THR B 174 -10.51 26.96 -2.84
CA THR B 174 -11.80 27.56 -2.51
C THR B 174 -12.86 26.49 -2.42
N VAL B 175 -13.93 26.79 -1.70
CA VAL B 175 -15.15 26.02 -1.77
C VAL B 175 -16.11 26.82 -2.65
N ASP B 176 -16.57 26.21 -3.74
CA ASP B 176 -17.43 26.90 -4.69
C ASP B 176 -18.88 26.42 -4.53
N ALA B 177 -19.83 27.20 -5.04
CA ALA B 177 -21.22 26.78 -5.06
C ALA B 177 -21.84 26.99 -6.44
N PHE B 178 -22.82 26.15 -6.77
CA PHE B 178 -23.54 26.25 -8.05
C PHE B 178 -25.01 26.19 -7.70
N ASP B 179 -25.86 26.86 -8.50
CA ASP B 179 -27.28 26.54 -8.44
C ASP B 179 -27.44 25.17 -9.07
N TYR B 180 -28.30 24.35 -8.47
CA TYR B 180 -28.44 22.96 -8.89
C TYR B 180 -29.91 22.58 -9.08
N ASP B 181 -30.21 22.01 -10.25
CA ASP B 181 -31.56 21.58 -10.59
C ASP B 181 -31.67 20.08 -10.34
N LEU B 182 -32.36 19.72 -9.25
CA LEU B 182 -32.52 18.32 -8.86
C LEU B 182 -33.07 17.42 -9.97
N GLN B 183 -34.03 17.94 -10.73
CA GLN B 183 -34.70 17.09 -11.72
C GLN B 183 -33.82 16.77 -12.93
N THR B 184 -32.91 17.66 -13.27
CA THR B 184 -32.07 17.46 -14.44
C THR B 184 -30.60 17.21 -14.09
N GLY B 185 -30.22 17.57 -12.87
CA GLY B 185 -28.83 17.47 -12.46
C GLY B 185 -27.95 18.54 -13.08
N GLN B 186 -28.57 19.59 -13.63
CA GLN B 186 -27.81 20.68 -14.22
C GLN B 186 -27.25 21.63 -13.16
N ILE B 187 -26.07 22.20 -13.41
CA ILE B 187 -25.49 23.18 -12.49
C ILE B 187 -25.19 24.49 -13.20
N SER B 188 -25.25 25.59 -12.45
CA SER B 188 -25.13 26.93 -13.04
C SER B 188 -24.67 27.97 -12.02
N ASN B 189 -24.23 29.12 -12.53
CA ASN B 189 -23.91 30.28 -11.69
C ASN B 189 -22.85 30.03 -10.62
N ARG B 190 -21.70 29.55 -11.06
CA ARG B 190 -20.58 29.24 -10.16
C ARG B 190 -20.13 30.46 -9.37
N ARG B 191 -20.05 30.30 -8.05
CA ARG B 191 -19.50 31.34 -7.19
C ARG B 191 -18.60 30.72 -6.11
N ILE B 192 -17.64 31.50 -5.64
CA ILE B 192 -16.81 31.09 -4.52
C ILE B 192 -17.54 31.47 -3.23
N VAL B 193 -17.67 30.52 -2.33
CA VAL B 193 -18.34 30.80 -1.05
C VAL B 193 -17.38 30.87 0.15
N TYR B 194 -16.19 30.29 0.00
CA TYR B 194 -15.18 30.36 1.05
C TYR B 194 -13.78 30.29 0.46
N LYS B 195 -12.90 31.22 0.86
CA LYS B 195 -11.51 31.17 0.48
C LYS B 195 -10.69 30.56 1.63
N MET B 196 -9.94 29.49 1.36
CA MET B 196 -9.16 28.84 2.41
C MET B 196 -8.06 29.77 2.95
N GLU B 197 -7.84 29.75 4.27
CA GLU B 197 -6.77 30.54 4.86
C GLU B 197 -5.42 29.84 4.66
N LYS B 198 -4.33 30.59 4.82
CA LYS B 198 -3.00 30.06 4.58
C LYS B 198 -2.79 28.72 5.29
N ASP B 199 -3.12 28.68 6.57
CA ASP B 199 -2.83 27.49 7.39
C ASP B 199 -3.87 26.39 7.21
N GLU B 200 -4.95 26.71 6.50
CA GLU B 200 -5.97 25.69 6.19
C GLU B 200 -5.55 24.90 4.96
N GLN B 201 -4.54 25.39 4.27
CA GLN B 201 -3.89 24.66 3.19
C GLN B 201 -4.83 24.21 2.06
N ILE B 202 -4.79 22.93 1.70
CA ILE B 202 -5.52 22.45 0.52
C ILE B 202 -6.87 21.83 0.88
N PRO B 203 -7.97 22.44 0.43
CA PRO B 203 -9.30 21.87 0.72
C PRO B 203 -9.43 20.54 -0.03
N ASP B 204 -9.98 19.55 0.64
CA ASP B 204 -9.94 18.20 0.09
C ASP B 204 -11.36 17.65 0.11
N GLY B 205 -11.61 16.63 0.92
CA GLY B 205 -12.96 16.09 1.04
C GLY B 205 -13.92 17.01 1.81
N MET B 206 -15.23 16.79 1.64
CA MET B 206 -16.25 17.68 2.22
C MET B 206 -17.57 16.95 2.46
N CYS B 207 -18.27 17.31 3.53
CA CYS B 207 -19.63 16.82 3.72
C CYS B 207 -20.50 17.89 4.37
N ILE B 208 -21.81 17.77 4.19
CA ILE B 208 -22.73 18.73 4.77
C ILE B 208 -23.29 18.16 6.07
N ASP B 209 -23.62 19.03 7.03
CA ASP B 209 -24.29 18.56 8.23
C ASP B 209 -25.79 18.88 8.21
N ALA B 210 -26.51 18.37 9.21
CA ALA B 210 -27.96 18.50 9.29
C ALA B 210 -28.44 19.94 9.50
N GLU B 211 -27.51 20.86 9.74
CA GLU B 211 -27.83 22.27 9.84
C GLU B 211 -27.42 22.99 8.57
N GLY B 212 -26.94 22.25 7.58
CA GLY B 212 -26.60 22.82 6.29
C GLY B 212 -25.22 23.46 6.25
N LYS B 213 -24.42 23.23 7.28
CA LYS B 213 -23.05 23.75 7.30
C LYS B 213 -22.11 22.72 6.66
N LEU B 214 -20.96 23.17 6.17
CA LEU B 214 -20.05 22.29 5.45
C LEU B 214 -18.81 22.00 6.29
N TRP B 215 -18.39 20.74 6.29
CA TRP B 215 -17.14 20.35 6.94
C TRP B 215 -16.14 19.97 5.86
N VAL B 216 -14.99 20.64 5.88
CA VAL B 216 -13.97 20.46 4.86
C VAL B 216 -12.70 19.92 5.50
N ALA B 217 -12.22 18.79 4.99
CA ALA B 217 -10.92 18.26 5.40
C ALA B 217 -9.81 19.08 4.76
N CYS B 218 -8.86 19.51 5.58
CA CYS B 218 -7.79 20.37 5.08
C CYS B 218 -6.49 19.60 4.90
N TYR B 219 -6.16 19.28 3.65
CA TYR B 219 -4.98 18.49 3.35
C TYR B 219 -3.71 19.33 3.56
N ASN B 220 -2.81 18.81 4.40
CA ASN B 220 -1.63 19.52 4.92
C ASN B 220 -1.96 20.55 6.00
N GLY B 221 -3.24 20.67 6.35
CA GLY B 221 -3.63 21.61 7.38
C GLY B 221 -3.94 20.94 8.70
N GLY B 222 -3.93 19.60 8.70
CA GLY B 222 -4.16 18.83 9.92
C GLY B 222 -5.41 19.18 10.68
N ARG B 223 -6.53 19.34 9.97
CA ARG B 223 -7.75 19.79 10.63
C ARG B 223 -8.95 19.56 9.73
N VAL B 224 -10.14 19.54 10.33
CA VAL B 224 -11.35 19.77 9.56
C VAL B 224 -11.90 21.15 9.99
N ILE B 225 -12.51 21.86 9.07
CA ILE B 225 -13.15 23.14 9.45
C ILE B 225 -14.62 23.09 9.09
N ARG B 226 -15.44 23.81 9.86
CA ARG B 226 -16.87 23.88 9.61
C ARG B 226 -17.19 25.28 9.08
N LEU B 227 -17.93 25.34 7.97
CA LEU B 227 -18.16 26.60 7.26
C LEU B 227 -19.64 26.90 7.10
N ASP B 228 -20.01 28.18 7.15
CA ASP B 228 -21.36 28.61 6.75
C ASP B 228 -21.30 29.17 5.34
N PRO B 229 -21.80 28.40 4.36
CA PRO B 229 -21.66 28.80 2.95
C PRO B 229 -22.44 30.07 2.61
N GLU B 230 -23.47 30.39 3.39
CA GLU B 230 -24.27 31.60 3.20
C GLU B 230 -23.53 32.88 3.59
N THR B 231 -22.80 32.81 4.70
CA THR B 231 -22.08 33.98 5.19
C THR B 231 -20.60 33.97 4.78
N GLY B 232 -20.12 32.79 4.37
CA GLY B 232 -18.72 32.61 4.05
C GLY B 232 -17.83 32.58 5.28
N LYS B 233 -18.42 32.38 6.46
CA LYS B 233 -17.67 32.39 7.72
C LYS B 233 -17.30 30.98 8.13
N ARG B 234 -16.08 30.82 8.63
CA ARG B 234 -15.71 29.57 9.30
C ARG B 234 -16.31 29.60 10.69
N LEU B 235 -17.00 28.53 11.06
CA LEU B 235 -17.63 28.45 12.37
C LEU B 235 -16.74 27.77 13.42
N GLN B 236 -15.90 26.83 12.96
CA GLN B 236 -15.23 25.94 13.91
C GLN B 236 -14.03 25.28 13.24
N THR B 237 -13.05 24.90 14.05
CA THR B 237 -11.87 24.19 13.57
C THR B 237 -11.60 23.04 14.53
N VAL B 238 -11.36 21.83 14.01
CA VAL B 238 -10.97 20.72 14.87
C VAL B 238 -9.64 20.17 14.36
N LYS B 239 -8.57 20.32 15.14
CA LYS B 239 -7.25 19.89 14.70
C LYS B 239 -7.01 18.42 15.02
N LEU B 240 -6.21 17.77 14.17
CA LEU B 240 -5.91 16.35 14.32
C LEU B 240 -4.40 16.16 14.44
N PRO B 241 -3.96 15.01 15.01
CA PRO B 241 -2.51 14.80 15.14
C PRO B 241 -1.83 14.30 13.85
N VAL B 242 -2.48 14.51 12.70
CA VAL B 242 -1.87 14.22 11.39
C VAL B 242 -2.05 15.41 10.43
N ASP B 243 -1.09 15.67 9.55
CA ASP B 243 -1.16 16.82 8.63
C ASP B 243 -2.11 16.56 7.46
N LYS B 244 -2.06 15.34 6.94
CA LYS B 244 -2.70 15.07 5.64
C LYS B 244 -4.12 14.53 5.77
N THR B 245 -4.99 15.33 6.39
CA THR B 245 -6.40 14.98 6.51
C THR B 245 -7.01 15.08 5.13
N THR B 246 -7.69 14.02 4.68
CA THR B 246 -8.14 13.94 3.28
C THR B 246 -9.64 14.11 3.08
N SER B 247 -10.42 13.57 4.01
CA SER B 247 -11.86 13.58 3.83
C SER B 247 -12.56 13.30 5.12
N CYS B 248 -13.87 13.52 5.11
CA CYS B 248 -14.67 13.31 6.31
C CYS B 248 -16.11 12.98 5.92
N CYS B 249 -16.80 12.24 6.78
CA CYS B 249 -18.21 11.97 6.60
C CYS B 249 -18.79 11.69 7.98
N PHE B 250 -20.11 11.82 8.12
CA PHE B 250 -20.78 11.49 9.38
C PHE B 250 -21.23 10.03 9.34
N GLY B 251 -21.22 9.39 10.51
CA GLY B 251 -21.61 7.99 10.60
C GLY B 251 -22.08 7.68 12.00
N GLY B 252 -22.15 6.40 12.34
CA GLY B 252 -22.68 5.97 13.62
C GLY B 252 -24.19 6.10 13.65
N LYS B 253 -24.82 5.59 14.71
CA LYS B 253 -26.25 5.76 14.90
C LYS B 253 -26.59 7.25 14.93
N ASP B 254 -27.55 7.63 14.09
CA ASP B 254 -28.03 9.01 13.97
C ASP B 254 -27.03 9.97 13.31
N TYR B 255 -25.98 9.44 12.70
CA TYR B 255 -24.98 10.27 12.02
C TYR B 255 -24.39 11.33 12.94
N SER B 256 -24.15 10.94 14.19
CA SER B 256 -23.70 11.86 15.21
C SER B 256 -22.17 11.91 15.37
N GLU B 257 -21.48 11.01 14.66
CA GLU B 257 -20.02 10.92 14.77
C GLU B 257 -19.36 11.19 13.42
N MET B 258 -18.23 11.89 13.42
CA MET B 258 -17.53 12.17 12.17
C MET B 258 -16.34 11.23 11.99
N TYR B 259 -16.26 10.59 10.83
CA TYR B 259 -15.09 9.78 10.49
C TYR B 259 -14.18 10.60 9.59
N VAL B 260 -12.88 10.58 9.87
CA VAL B 260 -11.92 11.36 9.11
C VAL B 260 -10.81 10.47 8.56
N THR B 261 -10.57 10.53 7.26
CA THR B 261 -9.47 9.79 6.65
C THR B 261 -8.24 10.67 6.50
N CYS B 262 -7.07 10.03 6.31
CA CYS B 262 -5.84 10.80 6.14
C CYS B 262 -4.78 9.98 5.40
N ALA B 263 -3.66 10.62 5.08
CA ALA B 263 -2.64 10.00 4.25
C ALA B 263 -1.28 10.00 4.92
N ARG B 264 -0.41 9.08 4.52
CA ARG B 264 1.00 9.16 4.92
C ARG B 264 1.91 9.42 3.72
N ASP B 265 1.40 9.22 2.51
CA ASP B 265 2.20 9.50 1.33
C ASP B 265 2.69 10.95 1.31
N GLY B 266 3.97 11.14 1.00
CA GLY B 266 4.52 12.48 0.98
C GLY B 266 5.33 12.86 2.21
N LEU B 267 5.06 12.19 3.34
CA LEU B 267 5.77 12.44 4.58
C LEU B 267 7.18 11.84 4.55
N ASN B 268 8.20 12.61 4.94
CA ASN B 268 9.52 12.03 5.11
C ASN B 268 9.62 11.31 6.45
N ALA B 269 10.76 10.72 6.76
CA ALA B 269 10.90 9.95 7.99
C ALA B 269 10.57 10.78 9.22
N GLU B 270 10.95 12.06 9.22
CA GLU B 270 10.66 12.91 10.39
C GLU B 270 9.16 13.13 10.55
N GLY B 271 8.46 13.38 9.43
CA GLY B 271 7.02 13.55 9.50
C GLY B 271 6.32 12.29 9.98
N LEU B 272 6.79 11.14 9.50
CA LEU B 272 6.21 9.85 9.89
C LEU B 272 6.38 9.57 11.38
N LEU B 273 7.55 9.90 11.90
CA LEU B 273 7.85 9.79 13.35
C LEU B 273 6.93 10.68 14.18
N ARG B 274 6.72 11.91 13.72
CA ARG B 274 5.90 12.85 14.48
C ARG B 274 4.41 12.58 14.34
N GLN B 275 4.06 11.80 13.31
CA GLN B 275 2.65 11.47 13.05
C GLN B 275 2.44 9.98 12.95
N PRO B 276 2.54 9.27 14.10
CA PRO B 276 2.45 7.81 14.05
C PRO B 276 1.08 7.33 13.58
N ASP B 277 0.09 8.21 13.57
CA ASP B 277 -1.25 7.79 13.14
C ASP B 277 -1.52 8.15 11.67
N ALA B 278 -0.49 8.58 10.94
CA ALA B 278 -0.68 8.96 9.54
C ALA B 278 -1.19 7.76 8.76
N GLY B 279 -2.25 7.96 7.99
CA GLY B 279 -2.86 6.90 7.22
C GLY B 279 -3.96 6.17 7.95
N ASN B 280 -4.18 6.52 9.22
CA ASN B 280 -5.22 5.84 9.99
C ASN B 280 -6.57 6.54 9.86
N ILE B 281 -7.59 5.92 10.43
CA ILE B 281 -8.91 6.53 10.43
C ILE B 281 -9.29 7.06 11.81
N PHE B 282 -9.78 8.28 11.86
CA PHE B 282 -10.14 8.93 13.11
C PHE B 282 -11.64 9.07 13.24
N LYS B 283 -12.11 9.13 14.48
CA LYS B 283 -13.51 9.41 14.73
C LYS B 283 -13.62 10.59 15.68
N ILE B 284 -14.49 11.54 15.35
CA ILE B 284 -14.67 12.72 16.19
C ILE B 284 -16.06 12.65 16.81
N THR B 285 -16.10 12.70 18.14
CA THR B 285 -17.37 12.66 18.86
C THR B 285 -17.57 13.98 19.61
N GLY B 286 -18.82 14.30 19.94
CA GLY B 286 -19.12 15.50 20.71
C GLY B 286 -19.19 16.78 19.91
N LEU B 287 -19.34 16.68 18.60
CA LEU B 287 -19.40 17.89 17.77
C LEU B 287 -20.70 18.66 18.00
N GLY B 288 -21.71 17.97 18.52
CA GLY B 288 -22.98 18.60 18.85
C GLY B 288 -23.82 18.94 17.62
N VAL B 289 -23.55 18.25 16.51
CA VAL B 289 -24.35 18.38 15.30
C VAL B 289 -24.30 17.04 14.57
N LYS B 290 -25.38 16.71 13.86
CA LYS B 290 -25.43 15.46 13.10
C LYS B 290 -25.21 15.71 11.61
N GLY B 291 -24.82 14.65 10.90
CA GLY B 291 -24.75 14.68 9.45
C GLY B 291 -26.02 14.09 8.88
N ILE B 292 -26.00 13.77 7.59
CA ILE B 292 -27.14 13.12 6.94
C ILE B 292 -26.66 11.84 6.27
N ALA B 293 -27.59 10.93 6.00
CA ALA B 293 -27.25 9.68 5.32
C ALA B 293 -26.72 9.94 3.91
N PRO B 294 -25.83 9.07 3.43
CA PRO B 294 -25.40 9.20 2.02
C PRO B 294 -26.55 8.75 1.12
N TYR B 295 -26.60 9.26 -0.10
CA TYR B 295 -27.54 8.72 -1.08
C TYR B 295 -26.92 7.53 -1.80
N SER B 296 -27.76 6.58 -2.20
CA SER B 296 -27.28 5.44 -2.96
C SER B 296 -27.46 5.67 -4.45
N TYR B 297 -26.51 5.16 -5.23
CA TYR B 297 -26.61 5.24 -6.68
C TYR B 297 -27.80 4.40 -7.17
N ALA B 298 -28.62 4.99 -8.03
CA ALA B 298 -29.89 4.38 -8.43
C ALA B 298 -29.82 3.54 -9.71
N GLY B 299 -28.62 3.29 -10.22
CA GLY B 299 -28.45 2.47 -11.40
C GLY B 299 -27.72 1.17 -11.04
#